data_7L1P
#
_entry.id   7L1P
#
_cell.length_a   46.277
_cell.length_b   46.277
_cell.length_c   139.003
_cell.angle_alpha   90.00
_cell.angle_beta   90.00
_cell.angle_gamma   90.00
#
_symmetry.space_group_name_H-M   'P 43'
#
loop_
_entity.id
_entity.type
_entity.pdbx_description
1 polymer Integrase
2 non-polymer '(2-{[3-(4-{2-[(3-{[3-(carboxymethyl)-5-methyl-1-benzofuran-2-yl]ethynyl}benzene-1-carbonyl)amino]ethyl}piperazine-1-carbonyl)phenyl]ethynyl}-5-methyl-1-benzofuran-3-yl)acetic acid'
3 non-polymer 'IODIDE ION'
4 non-polymer 'SULFATE ION'
5 water water
#
_entity_poly.entity_id   1
_entity_poly.type   'polypeptide(L)'
_entity_poly.pdbx_seq_one_letter_code
;MHGEVDSSPGIWQLD(CSO)THLEGKVILVAVHVASGYIEAEVIPAETGQETAYFLLKLAGRWPVKTVHTDNGSNFTSTT
VKAA(CSD)EWAGIKQEFGIPYNPQSQGVIESMNKELKKIIGQVRDQAEHLKTAVQMAVFIHNKKRKGGIGGYSAGERIV
DIIATDIETKE
;
_entity_poly.pdbx_strand_id   A,B
#
loop_
_chem_comp.id
_chem_comp.type
_chem_comp.name
_chem_comp.formula
IOD non-polymer 'IODIDE ION' 'I -1'
R2A non-polymer '(2-{[3-(4-{2-[(3-{[3-(carboxymethyl)-5-methyl-1-benzofuran-2-yl]ethynyl}benzene-1-carbonyl)amino]ethyl}piperazine-1-carbonyl)phenyl]ethynyl}-5-methyl-1-benzofuran-3-yl)acetic acid' 'C46 H39 N3 O8'
SO4 non-polymer 'SULFATE ION' 'O4 S -2'
#
# COMPACT_ATOMS: atom_id res chain seq x y z
N PRO A 9 12.46 10.91 -8.67
CA PRO A 9 11.42 10.88 -7.65
C PRO A 9 10.54 9.63 -7.68
N GLY A 10 10.50 8.95 -8.82
CA GLY A 10 9.69 7.76 -9.00
C GLY A 10 10.49 6.50 -9.26
N ILE A 11 11.74 6.49 -8.81
CA ILE A 11 12.64 5.37 -9.08
C ILE A 11 12.61 4.38 -7.93
N TRP A 12 12.37 3.10 -8.25
CA TRP A 12 12.34 2.06 -7.25
C TRP A 12 13.21 0.89 -7.65
N GLN A 13 13.53 0.09 -6.64
CA GLN A 13 14.33 -1.13 -6.72
C GLN A 13 13.45 -2.26 -6.26
N LEU A 14 13.41 -3.34 -7.01
CA LEU A 14 12.62 -4.49 -6.63
C LEU A 14 13.55 -5.68 -6.42
N ASP A 15 13.30 -6.42 -5.34
CA ASP A 15 14.10 -7.60 -5.00
C ASP A 15 13.31 -8.65 -4.18
N CSO A 16 13.94 -9.80 -3.97
CA CSO A 16 13.40 -10.99 -3.29
CB CSO A 16 13.52 -12.26 -4.17
SG CSO A 16 12.04 -12.64 -5.10
C CSO A 16 14.20 -11.26 -2.03
O CSO A 16 15.42 -11.14 -2.06
OD CSO A 16 11.64 -11.25 -6.12
HA CSO A 16 12.46 -10.82 -3.10
HB2 CSO A 16 13.72 -13.01 -3.60
HB3 CSO A 16 14.24 -12.14 -4.80
HD CSO A 16 12.38 -11.03 -6.70
N THR A 17 13.59 -11.70 -0.94
CA THR A 17 14.39 -12.31 0.11
C THR A 17 13.57 -13.49 0.64
N HIS A 18 14.14 -14.26 1.55
CA HIS A 18 13.53 -15.52 1.96
C HIS A 18 13.64 -15.67 3.46
N LEU A 19 12.57 -16.21 4.04
CA LEU A 19 12.56 -16.49 5.47
C LEU A 19 11.50 -17.55 5.72
N GLU A 20 11.85 -18.54 6.54
CA GLU A 20 10.93 -19.61 6.95
C GLU A 20 10.32 -20.30 5.74
N GLY A 21 11.13 -20.46 4.69
CA GLY A 21 10.68 -21.18 3.52
C GLY A 21 9.69 -20.44 2.66
N LYS A 22 9.58 -19.12 2.83
CA LYS A 22 8.67 -18.28 2.08
C LYS A 22 9.46 -17.19 1.37
N VAL A 23 8.77 -16.48 0.48
CA VAL A 23 9.36 -15.45 -0.36
C VAL A 23 8.75 -14.11 0.04
N ILE A 24 9.60 -13.12 0.25
CA ILE A 24 9.20 -11.76 0.59
C ILE A 24 9.64 -10.88 -0.58
N LEU A 25 8.67 -10.30 -1.29
CA LEU A 25 8.99 -9.26 -2.26
C LEU A 25 9.17 -7.93 -1.55
N VAL A 26 10.22 -7.22 -1.93
CA VAL A 26 10.59 -5.96 -1.31
C VAL A 26 10.77 -4.90 -2.40
N ALA A 27 9.99 -3.82 -2.31
CA ALA A 27 10.21 -2.63 -3.12
C ALA A 27 10.83 -1.53 -2.26
N VAL A 28 11.91 -0.93 -2.75
CA VAL A 28 12.60 0.16 -2.07
C VAL A 28 12.55 1.42 -2.92
N HIS A 29 12.01 2.51 -2.34
CA HIS A 29 12.12 3.82 -2.95
C HIS A 29 13.56 4.31 -2.76
N VAL A 30 14.31 4.41 -3.86
CA VAL A 30 15.76 4.49 -3.71
C VAL A 30 16.18 5.77 -2.98
N ALA A 31 15.54 6.90 -3.27
CA ALA A 31 16.02 8.15 -2.69
C ALA A 31 15.73 8.25 -1.18
N SER A 32 14.67 7.60 -0.71
CA SER A 32 14.24 7.74 0.69
C SER A 32 14.56 6.54 1.58
N GLY A 33 14.77 5.35 1.03
CA GLY A 33 14.82 4.15 1.83
C GLY A 33 13.46 3.60 2.24
N TYR A 34 12.37 4.27 1.89
CA TYR A 34 11.05 3.75 2.19
C TYR A 34 10.85 2.40 1.54
N ILE A 35 10.21 1.47 2.24
CA ILE A 35 9.99 0.17 1.63
C ILE A 35 8.55 -0.29 1.77
N GLU A 36 8.14 -1.12 0.81
CA GLU A 36 6.96 -1.94 0.90
C GLU A 36 7.36 -3.39 0.70
N ALA A 37 6.63 -4.30 1.33
CA ALA A 37 6.92 -5.72 1.14
C ALA A 37 5.65 -6.53 1.34
N GLU A 38 5.69 -7.76 0.80
CA GLU A 38 4.59 -8.70 0.95
C GLU A 38 5.18 -10.12 0.89
N VAL A 39 4.58 -11.02 1.67
CA VAL A 39 4.89 -12.45 1.55
C VAL A 39 3.99 -13.03 0.47
N ILE A 40 4.61 -13.62 -0.54
CA ILE A 40 3.86 -14.29 -1.59
C ILE A 40 4.10 -15.80 -1.50
N PRO A 41 3.71 -16.57 -2.52
CA PRO A 41 4.03 -18.01 -2.52
C PRO A 41 4.98 -18.34 -3.65
N ALA A 42 5.06 -17.39 -4.58
CA ALA A 42 5.78 -17.56 -5.84
C ALA A 42 7.26 -17.25 -5.67
N GLY A 45 5.10 -14.55 -11.21
CA GLY A 45 4.90 -13.42 -12.14
C GLY A 45 3.52 -12.78 -11.97
N GLN A 46 2.50 -13.57 -11.60
CA GLN A 46 1.14 -13.03 -11.34
C GLN A 46 1.16 -12.30 -9.99
N GLU A 47 1.93 -12.79 -9.04
CA GLU A 47 2.04 -12.18 -7.68
C GLU A 47 2.80 -10.87 -7.82
N THR A 48 3.94 -10.84 -8.50
CA THR A 48 4.76 -9.65 -8.69
C THR A 48 3.98 -8.54 -9.38
N ALA A 49 3.21 -8.88 -10.42
CA ALA A 49 2.43 -7.91 -11.22
C ALA A 49 1.40 -7.25 -10.31
N TYR A 50 0.72 -8.03 -9.46
CA TYR A 50 -0.27 -7.49 -8.53
C TYR A 50 0.37 -6.51 -7.55
N PHE A 51 1.50 -6.91 -6.97
CA PHE A 51 2.22 -6.04 -6.04
C PHE A 51 2.65 -4.75 -6.71
N LEU A 52 3.14 -4.83 -7.95
CA LEU A 52 3.62 -3.63 -8.71
C LEU A 52 2.44 -2.74 -9.06
N LEU A 53 1.25 -3.29 -9.31
CA LEU A 53 0.02 -2.52 -9.64
C LEU A 53 -0.43 -1.78 -8.37
N LYS A 54 -0.46 -2.47 -7.23
CA LYS A 54 -0.83 -1.85 -5.96
C LYS A 54 0.11 -0.70 -5.63
N LEU A 55 1.42 -0.97 -5.68
CA LEU A 55 2.42 0.04 -5.40
C LEU A 55 2.24 1.29 -6.26
N ALA A 56 2.04 1.09 -7.57
CA ALA A 56 1.90 2.23 -8.46
C ALA A 56 0.62 3.01 -8.23
N GLY A 57 -0.39 2.40 -7.62
CA GLY A 57 -1.59 3.15 -7.30
C GLY A 57 -1.45 4.07 -6.11
N ARG A 58 -0.39 3.90 -5.33
CA ARG A 58 -0.15 4.67 -4.11
C ARG A 58 0.94 5.72 -4.27
N TRP A 59 1.95 5.44 -5.07
CA TRP A 59 3.12 6.29 -5.21
C TRP A 59 3.36 6.55 -6.68
N PRO A 60 4.14 7.58 -7.01
CA PRO A 60 4.68 7.68 -8.36
C PRO A 60 5.66 6.54 -8.56
N VAL A 61 5.36 5.65 -9.49
CA VAL A 61 6.28 4.57 -9.85
C VAL A 61 6.55 4.68 -11.34
N LYS A 62 7.74 5.19 -11.68
CA LYS A 62 8.15 5.43 -13.06
C LYS A 62 9.10 4.37 -13.58
N THR A 63 10.11 4.00 -12.77
CA THR A 63 11.13 3.03 -13.14
C THR A 63 11.40 2.10 -11.98
N VAL A 64 11.36 0.80 -12.25
CA VAL A 64 11.68 -0.23 -11.26
C VAL A 64 12.94 -0.94 -11.75
N HIS A 65 13.96 -0.95 -10.90
CA HIS A 65 15.19 -1.66 -11.18
C HIS A 65 15.18 -3.04 -10.53
N THR A 66 15.64 -4.04 -11.28
CA THR A 66 15.94 -5.35 -10.75
C THR A 66 17.25 -5.79 -11.38
N ASP A 67 17.99 -6.65 -10.71
CA ASP A 67 19.28 -7.06 -11.25
C ASP A 67 19.37 -8.57 -11.52
N ASN A 68 18.26 -9.21 -11.87
CA ASN A 68 18.37 -10.53 -12.48
C ASN A 68 17.33 -10.59 -13.60
N GLY A 69 17.20 -11.76 -14.21
CA GLY A 69 16.29 -11.87 -15.34
C GLY A 69 14.88 -12.29 -15.03
N SER A 70 14.57 -12.59 -13.77
CA SER A 70 13.31 -13.25 -13.47
C SER A 70 12.09 -12.44 -13.89
N ASN A 71 12.13 -11.13 -13.69
CA ASN A 71 10.94 -10.37 -14.00
C ASN A 71 10.81 -9.99 -15.46
N PHE A 72 11.82 -10.28 -16.27
CA PHE A 72 11.69 -10.05 -17.70
C PHE A 72 11.01 -11.22 -18.41
N THR A 73 10.66 -12.30 -17.69
CA THR A 73 10.08 -13.48 -18.31
C THR A 73 8.64 -13.72 -17.88
N SER A 74 7.96 -12.68 -17.40
CA SER A 74 6.57 -12.79 -16.97
C SER A 74 5.72 -11.92 -17.89
N THR A 75 4.76 -12.53 -18.57
CA THR A 75 3.89 -11.73 -19.43
C THR A 75 2.97 -10.85 -18.61
N THR A 76 2.58 -11.26 -17.39
CA THR A 76 1.69 -10.49 -16.48
C THR A 76 2.43 -9.26 -15.92
N VAL A 77 3.70 -9.40 -15.56
CA VAL A 77 4.53 -8.27 -15.05
C VAL A 77 4.67 -7.28 -16.20
N LYS A 78 4.88 -7.77 -17.43
CA LYS A 78 5.05 -6.91 -18.63
C LYS A 78 3.74 -6.16 -18.85
N ALA A 79 2.60 -6.81 -18.66
CA ALA A 79 1.26 -6.20 -18.82
C ALA A 79 1.04 -5.15 -17.72
N ALA A 80 1.43 -5.42 -16.49
CA ALA A 80 1.27 -4.46 -15.36
C ALA A 80 2.12 -3.23 -15.67
N CSD A 81 3.41 -3.45 -16.12
CA CSD A 81 4.24 -2.33 -16.50
CB CSD A 81 5.57 -2.82 -17.08
SG CSD A 81 6.64 -3.50 -15.79
C CSD A 81 3.55 -1.45 -17.53
O CSD A 81 3.50 -0.24 -17.34
OD1 CSD A 81 7.30 -4.77 -16.04
OD2 CSD A 81 6.92 -2.72 -14.37
H CSD A 81 3.52 -4.16 -16.55
HA CSD A 81 4.41 -1.80 -15.71
HB2 CSD A 81 6.01 -2.08 -17.49
HB3 CSD A 81 5.45 -3.49 -17.77
HD2 CSD A 81 6.24 -2.79 -13.87
N GLU A 82 3.00 -2.03 -18.60
CA GLU A 82 2.33 -1.27 -19.68
C GLU A 82 1.10 -0.55 -19.13
N TRP A 83 0.24 -1.24 -18.37
CA TRP A 83 -1.03 -0.67 -17.86
C TRP A 83 -0.75 0.53 -16.96
N ALA A 84 0.18 0.42 -16.01
CA ALA A 84 0.48 1.47 -15.00
C ALA A 84 1.45 2.52 -15.58
N GLY A 85 2.19 2.19 -16.63
CA GLY A 85 3.20 3.09 -17.24
C GLY A 85 4.50 3.04 -16.46
N ILE A 86 4.97 1.85 -16.10
CA ILE A 86 6.22 1.64 -15.30
C ILE A 86 7.32 1.11 -16.24
N LYS A 87 8.50 1.73 -16.25
CA LYS A 87 9.64 1.25 -17.01
C LYS A 87 10.36 0.17 -16.21
N GLN A 88 10.34 -1.05 -16.74
CA GLN A 88 11.31 -2.08 -16.34
C GLN A 88 12.72 -1.68 -16.72
N GLU A 89 13.66 -1.72 -15.78
CA GLU A 89 15.04 -1.48 -16.17
C GLU A 89 15.97 -2.42 -15.42
N PHE A 90 16.96 -2.92 -16.13
CA PHE A 90 17.88 -3.88 -15.54
C PHE A 90 19.06 -3.15 -14.95
N GLY A 91 19.59 -3.69 -13.85
CA GLY A 91 20.74 -3.08 -13.23
C GLY A 91 20.27 -2.30 -12.03
N ILE A 92 20.92 -2.50 -10.89
CA ILE A 92 20.27 -2.20 -9.62
C ILE A 92 21.30 -1.54 -8.72
N PRO A 93 22.19 -0.70 -9.27
CA PRO A 93 23.35 -0.28 -8.46
C PRO A 93 23.00 0.79 -7.42
N SER A 104 21.76 -3.60 0.98
CA SER A 104 21.68 -4.40 2.20
C SER A 104 20.40 -4.07 2.98
N MET A 105 19.40 -3.57 2.25
CA MET A 105 18.09 -3.36 2.85
C MET A 105 17.47 -4.67 3.33
N ASN A 106 17.73 -5.76 2.62
CA ASN A 106 17.16 -7.05 3.01
C ASN A 106 17.73 -7.53 4.33
N LYS A 107 19.01 -7.28 4.63
CA LYS A 107 19.46 -7.73 5.95
C LYS A 107 19.11 -6.78 7.08
N GLU A 108 18.83 -5.49 6.82
CA GLU A 108 18.30 -4.65 7.88
C GLU A 108 16.88 -5.09 8.24
N LEU A 109 16.10 -5.49 7.23
CA LEU A 109 14.71 -5.89 7.45
C LEU A 109 14.63 -7.20 8.24
N LYS A 110 15.44 -8.20 7.85
CA LYS A 110 15.40 -9.49 8.53
C LYS A 110 15.79 -9.35 10.00
N LYS A 111 16.71 -8.43 10.31
CA LYS A 111 16.98 -8.06 11.69
C LYS A 111 15.70 -7.70 12.45
N ILE A 112 15.01 -6.68 11.97
CA ILE A 112 13.80 -6.22 12.67
C ILE A 112 12.78 -7.34 12.71
N ILE A 113 12.62 -8.07 11.60
CA ILE A 113 11.71 -9.21 11.62
C ILE A 113 12.08 -10.14 12.78
N GLY A 114 13.38 -10.30 13.03
CA GLY A 114 13.79 -11.11 14.17
C GLY A 114 13.43 -10.49 15.50
N GLN A 115 13.48 -9.17 15.59
CA GLN A 115 13.14 -8.50 16.84
C GLN A 115 11.67 -8.65 17.19
N VAL A 116 10.79 -8.87 16.21
CA VAL A 116 9.35 -8.90 16.45
C VAL A 116 8.73 -10.28 16.25
N ARG A 117 9.45 -11.24 15.66
CA ARG A 117 8.80 -12.47 15.21
C ARG A 117 7.91 -13.10 16.29
N ASP A 118 8.34 -13.04 17.54
CA ASP A 118 7.55 -13.65 18.60
C ASP A 118 6.29 -12.87 18.96
N GLN A 119 5.97 -11.77 18.26
CA GLN A 119 4.79 -10.97 18.54
C GLN A 119 3.64 -11.25 17.57
N ALA A 120 3.91 -11.99 16.52
CA ALA A 120 2.92 -12.33 15.51
C ALA A 120 2.95 -13.83 15.34
N GLU A 121 1.78 -14.41 15.07
CA GLU A 121 1.82 -15.82 14.70
C GLU A 121 2.25 -15.99 13.25
N HIS A 122 1.83 -15.09 12.35
CA HIS A 122 2.17 -15.24 10.95
C HIS A 122 3.42 -14.43 10.59
N LEU A 123 4.31 -15.06 9.81
CA LEU A 123 5.48 -14.34 9.31
C LEU A 123 5.07 -13.06 8.59
N LYS A 124 4.04 -13.17 7.76
CA LYS A 124 3.34 -12.06 7.13
C LYS A 124 3.20 -10.85 8.04
N THR A 125 2.47 -11.02 9.15
CA THR A 125 2.35 -9.98 10.16
C THR A 125 3.70 -9.43 10.60
N ALA A 126 4.65 -10.31 10.90
CA ALA A 126 5.95 -9.85 11.38
C ALA A 126 6.71 -9.07 10.30
N VAL A 127 6.63 -9.52 9.05
CA VAL A 127 7.19 -8.70 7.96
C VAL A 127 6.59 -7.31 8.00
N GLN A 128 5.27 -7.21 8.13
CA GLN A 128 4.65 -5.90 8.09
C GLN A 128 4.97 -5.08 9.33
N MET A 129 5.19 -5.72 10.49
CA MET A 129 5.66 -4.93 11.63
C MET A 129 7.06 -4.41 11.37
N ALA A 130 7.89 -5.21 10.69
CA ALA A 130 9.25 -4.78 10.37
C ALA A 130 9.22 -3.61 9.38
N VAL A 131 8.37 -3.69 8.37
CA VAL A 131 8.24 -2.58 7.43
C VAL A 131 7.82 -1.31 8.19
N PHE A 132 6.83 -1.42 9.07
CA PHE A 132 6.37 -0.27 9.87
C PHE A 132 7.54 0.40 10.58
N ILE A 133 8.27 -0.37 11.37
CA ILE A 133 9.41 0.15 12.10
C ILE A 133 10.43 0.75 11.15
N HIS A 134 10.78 0.03 10.08
CA HIS A 134 11.80 0.55 9.18
C HIS A 134 11.42 1.92 8.66
N ASN A 135 10.15 2.09 8.30
CA ASN A 135 9.70 3.30 7.66
C ASN A 135 9.44 4.46 8.63
N LYS A 136 9.12 4.16 9.89
CA LYS A 136 8.74 5.21 10.84
C LYS A 136 9.90 5.70 11.69
N LYS A 137 10.92 4.88 11.88
CA LYS A 137 12.04 5.23 12.74
C LYS A 137 12.96 6.27 12.11
N ARG A 138 13.77 6.88 12.99
CA ARG A 138 14.89 7.72 12.57
C ARG A 138 16.22 7.03 12.84
N GLY A 144 16.37 12.86 12.50
CA GLY A 144 15.77 13.90 11.66
C GLY A 144 14.50 13.47 10.94
N TYR A 145 14.64 12.62 9.94
CA TYR A 145 13.52 12.13 9.11
C TYR A 145 13.61 10.65 8.87
N SER A 146 12.46 10.04 9.03
CA SER A 146 12.21 8.65 8.68
C SER A 146 12.05 8.49 7.17
N ALA A 147 12.27 7.27 6.71
CA ALA A 147 12.03 6.96 5.31
C ALA A 147 10.63 7.39 4.89
N GLY A 148 9.66 7.19 5.79
CA GLY A 148 8.28 7.50 5.45
C GLY A 148 8.05 9.00 5.31
N GLU A 149 8.69 9.80 6.14
CA GLU A 149 8.63 11.25 5.93
C GLU A 149 9.43 11.64 4.70
N ARG A 150 10.55 10.96 4.44
CA ARG A 150 11.38 11.34 3.32
C ARG A 150 10.66 11.14 1.99
N ILE A 151 10.01 9.99 1.79
CA ILE A 151 9.37 9.75 0.50
C ILE A 151 8.29 10.80 0.28
N VAL A 152 7.60 11.20 1.35
CA VAL A 152 6.59 12.25 1.24
C VAL A 152 7.23 13.59 1.00
N ASP A 153 8.32 13.90 1.71
CA ASP A 153 9.06 15.12 1.43
C ASP A 153 9.46 15.17 -0.04
N ILE A 154 10.15 14.12 -0.51
CA ILE A 154 10.62 14.07 -1.89
C ILE A 154 9.47 14.31 -2.87
N ILE A 155 8.35 13.61 -2.69
CA ILE A 155 7.24 13.73 -3.62
C ILE A 155 6.55 15.07 -3.51
N ALA A 156 6.47 15.63 -2.29
CA ALA A 156 5.80 16.90 -2.11
C ALA A 156 6.67 18.06 -2.59
N THR A 157 7.98 17.97 -2.34
CA THR A 157 8.92 18.88 -2.98
C THR A 157 8.81 18.83 -4.49
N ASP A 158 8.42 17.69 -5.05
CA ASP A 158 8.43 17.49 -6.50
C ASP A 158 7.13 17.91 -7.17
N ILE A 159 5.98 17.73 -6.52
CA ILE A 159 4.75 18.29 -7.08
C ILE A 159 4.84 19.81 -7.12
N GLU A 160 5.61 20.40 -6.21
CA GLU A 160 5.81 21.85 -6.19
C GLU A 160 6.67 22.31 -7.35
N THR A 161 7.63 21.49 -7.78
CA THR A 161 8.43 21.80 -8.96
C THR A 161 7.66 21.40 -10.22
N SER B 8 -6.49 16.68 11.69
CA SER B 8 -5.27 15.87 11.75
C SER B 8 -5.07 15.30 10.34
N PRO B 9 -3.82 15.02 9.95
CA PRO B 9 -3.59 14.32 8.68
C PRO B 9 -3.78 12.83 8.77
N GLY B 10 -4.07 12.30 9.95
CA GLY B 10 -4.12 10.86 10.17
C GLY B 10 -5.52 10.32 10.37
N ILE B 11 -6.54 11.04 9.89
CA ILE B 11 -7.94 10.62 10.03
C ILE B 11 -8.35 9.74 8.85
N TRP B 12 -8.77 8.51 9.13
CA TRP B 12 -9.22 7.60 8.10
C TRP B 12 -10.59 7.05 8.45
N GLN B 13 -11.29 6.65 7.40
CA GLN B 13 -12.57 5.97 7.45
C GLN B 13 -12.42 4.58 6.85
N LEU B 14 -13.01 3.60 7.50
CA LEU B 14 -12.91 2.22 7.08
C LEU B 14 -14.31 1.66 6.86
N ASP B 15 -14.48 0.91 5.77
CA ASP B 15 -15.78 0.38 5.41
C ASP B 15 -15.61 -0.87 4.55
N CSO B 16 -16.71 -1.59 4.36
CA CSO B 16 -16.77 -2.75 3.48
CB CSO B 16 -17.43 -3.99 4.14
SG CSO B 16 -16.50 -4.68 5.50
C CSO B 16 -17.61 -2.45 2.25
O CSO B 16 -18.47 -1.58 2.28
OD CSO B 16 -16.98 -6.37 5.71
HA CSO B 16 -15.85 -2.97 3.25
HB2 CSO B 16 -17.52 -4.67 3.47
HB3 CSO B 16 -18.29 -3.73 4.48
HD CSO B 16 -16.37 -6.82 6.30
N THR B 17 -17.39 -3.20 1.17
CA THR B 17 -18.35 -3.28 0.07
C THR B 17 -18.18 -4.68 -0.54
N HIS B 18 -19.16 -5.13 -1.31
CA HIS B 18 -19.20 -6.50 -1.81
C HIS B 18 -19.39 -6.51 -3.31
N LEU B 19 -18.84 -7.51 -4.00
CA LEU B 19 -18.97 -7.43 -5.44
C LEU B 19 -18.61 -8.85 -5.88
N GLU B 20 -19.38 -9.50 -6.75
CA GLU B 20 -19.09 -10.87 -7.19
C GLU B 20 -18.91 -11.85 -6.04
N GLY B 21 -19.65 -11.61 -4.95
CA GLY B 21 -19.64 -12.50 -3.82
C GLY B 21 -18.47 -12.38 -2.88
N LYS B 22 -17.51 -11.50 -3.16
CA LYS B 22 -16.34 -11.28 -2.33
C LYS B 22 -16.49 -9.97 -1.57
N VAL B 23 -15.58 -9.76 -0.62
CA VAL B 23 -15.63 -8.62 0.29
C VAL B 23 -14.39 -7.74 0.04
N ILE B 24 -14.62 -6.44 -0.05
CA ILE B 24 -13.59 -5.44 -0.33
C ILE B 24 -13.53 -4.49 0.87
N LEU B 25 -12.48 -4.63 1.69
CA LEU B 25 -12.01 -3.52 2.53
C LEU B 25 -11.59 -2.29 1.78
N VAL B 26 -12.11 -1.16 2.24
CA VAL B 26 -11.81 0.15 1.69
C VAL B 26 -11.51 1.11 2.82
N ALA B 27 -10.31 1.69 2.80
CA ALA B 27 -9.93 2.77 3.70
C ALA B 27 -9.86 4.07 2.92
N VAL B 28 -10.45 5.11 3.46
CA VAL B 28 -10.44 6.45 2.86
C VAL B 28 -9.73 7.44 3.77
N HIS B 29 -8.73 8.14 3.23
CA HIS B 29 -8.18 9.32 3.88
C HIS B 29 -9.17 10.46 3.70
N VAL B 30 -9.80 10.86 4.79
CA VAL B 30 -10.97 11.71 4.71
C VAL B 30 -10.64 13.03 4.03
N ALA B 31 -9.49 13.62 4.36
CA ALA B 31 -9.25 14.98 3.88
C ALA B 31 -8.87 15.01 2.39
N SER B 32 -8.24 13.94 1.87
CA SER B 32 -7.78 13.90 0.50
C SER B 32 -8.69 13.14 -0.46
N GLY B 33 -9.47 12.20 0.05
CA GLY B 33 -10.17 11.27 -0.81
C GLY B 33 -9.33 10.08 -1.25
N TYR B 34 -8.06 10.04 -0.89
CA TYR B 34 -7.18 8.94 -1.26
C TYR B 34 -7.73 7.63 -0.68
N ILE B 35 -7.65 6.54 -1.45
CA ILE B 35 -8.15 5.26 -0.95
C ILE B 35 -7.14 4.13 -1.11
N GLU B 36 -7.27 3.14 -0.22
CA GLU B 36 -6.62 1.84 -0.32
C GLU B 36 -7.69 0.77 -0.13
N ALA B 37 -7.58 -0.31 -0.89
CA ALA B 37 -8.56 -1.39 -0.80
C ALA B 37 -7.87 -2.73 -0.96
N GLU B 38 -8.56 -3.79 -0.54
CA GLU B 38 -8.08 -5.15 -0.68
C GLU B 38 -9.29 -6.08 -0.68
N VAL B 39 -9.21 -7.13 -1.50
CA VAL B 39 -10.17 -8.23 -1.47
C VAL B 39 -9.70 -9.24 -0.44
N ILE B 40 -10.54 -9.50 0.55
CA ILE B 40 -10.27 -10.54 1.52
C ILE B 40 -11.25 -11.71 1.36
N THR B 44 -12.95 -11.32 7.98
CA THR B 44 -12.63 -11.67 9.36
C THR B 44 -11.86 -10.54 10.02
N GLY B 45 -11.52 -10.74 11.28
CA GLY B 45 -10.78 -9.77 12.05
C GLY B 45 -9.30 -9.79 11.75
N GLN B 46 -8.73 -10.99 11.56
CA GLN B 46 -7.31 -11.08 11.24
C GLN B 46 -6.97 -10.33 9.96
N GLU B 47 -7.85 -10.43 8.96
CA GLU B 47 -7.65 -9.73 7.70
C GLU B 47 -7.69 -8.22 7.89
N THR B 48 -8.71 -7.72 8.60
CA THR B 48 -8.81 -6.29 8.87
C THR B 48 -7.59 -5.78 9.61
N ALA B 49 -7.13 -6.56 10.60
CA ALA B 49 -5.99 -6.17 11.41
C ALA B 49 -4.73 -6.08 10.58
N TYR B 50 -4.55 -7.03 9.66
CA TYR B 50 -3.41 -7.05 8.77
C TYR B 50 -3.43 -5.86 7.82
N PHE B 51 -4.61 -5.57 7.28
CA PHE B 51 -4.78 -4.42 6.39
C PHE B 51 -4.47 -3.12 7.11
N LEU B 52 -4.94 -2.98 8.34
CA LEU B 52 -4.68 -1.78 9.12
C LEU B 52 -3.18 -1.62 9.39
N LEU B 53 -2.50 -2.68 9.80
CA LEU B 53 -1.07 -2.60 10.10
C LEU B 53 -0.28 -2.16 8.87
N LYS B 54 -0.63 -2.74 7.74
CA LYS B 54 0.03 -2.44 6.48
C LYS B 54 -0.21 -0.97 6.11
N LEU B 55 -1.46 -0.49 6.27
CA LEU B 55 -1.77 0.92 6.03
C LEU B 55 -0.99 1.84 6.96
N ALA B 56 -0.93 1.49 8.24
CA ALA B 56 -0.25 2.33 9.23
C ALA B 56 1.26 2.35 9.05
N GLY B 57 1.82 1.37 8.37
CA GLY B 57 3.25 1.44 8.11
C GLY B 57 3.63 2.31 6.94
N ARG B 58 2.64 2.76 6.19
CA ARG B 58 2.78 3.54 4.97
C ARG B 58 2.37 4.99 5.13
N TRP B 59 1.30 5.24 5.86
CA TRP B 59 0.79 6.58 6.07
C TRP B 59 0.74 6.89 7.55
N PRO B 60 0.60 8.17 7.91
CA PRO B 60 0.20 8.51 9.28
C PRO B 60 -1.24 8.06 9.44
N VAL B 61 -1.45 7.11 10.35
CA VAL B 61 -2.76 6.56 10.67
C VAL B 61 -2.93 6.68 12.16
N LYS B 62 -3.78 7.60 12.60
CA LYS B 62 -3.90 7.90 14.02
C LYS B 62 -5.34 7.88 14.53
N THR B 63 -6.35 7.97 13.66
CA THR B 63 -7.73 7.66 14.01
C THR B 63 -8.45 7.02 12.83
N VAL B 64 -9.14 5.89 13.08
CA VAL B 64 -9.94 5.22 12.06
C VAL B 64 -11.39 5.18 12.53
N HIS B 65 -12.28 5.72 11.70
CA HIS B 65 -13.71 5.72 11.95
C HIS B 65 -14.40 4.58 11.22
N THR B 66 -15.27 3.85 11.93
CA THR B 66 -16.21 2.97 11.27
C THR B 66 -17.63 3.27 11.77
N ASP B 67 -18.62 2.80 11.00
CA ASP B 67 -20.02 3.14 11.23
C ASP B 67 -20.85 1.98 11.75
N ASN B 68 -20.25 0.83 12.08
CA ASN B 68 -20.98 -0.25 12.71
C ASN B 68 -20.17 -0.84 13.85
N GLY B 69 -20.59 -2.01 14.32
CA GLY B 69 -19.97 -2.62 15.48
C GLY B 69 -18.93 -3.70 15.22
N SER B 70 -18.78 -4.14 13.97
CA SER B 70 -18.07 -5.39 13.73
C SER B 70 -16.60 -5.32 14.16
N ASN B 71 -15.95 -4.18 13.96
CA ASN B 71 -14.55 -4.00 14.30
C ASN B 71 -14.29 -3.80 15.79
N PHE B 72 -15.34 -3.61 16.59
CA PHE B 72 -15.15 -3.54 18.02
C PHE B 72 -15.21 -4.91 18.69
N THR B 73 -15.36 -5.98 17.92
CA THR B 73 -15.50 -7.33 18.49
C THR B 73 -14.41 -8.26 17.99
N SER B 74 -13.30 -7.70 17.51
CA SER B 74 -12.19 -8.49 16.97
C SER B 74 -11.01 -8.27 17.90
N THR B 75 -10.54 -9.34 18.53
CA THR B 75 -9.37 -9.21 19.40
C THR B 75 -8.13 -8.79 18.62
N THR B 76 -7.97 -9.29 17.40
CA THR B 76 -6.75 -9.03 16.64
C THR B 76 -6.74 -7.60 16.10
N VAL B 77 -7.90 -7.10 15.68
CA VAL B 77 -8.04 -5.68 15.36
C VAL B 77 -7.63 -4.84 16.55
N LYS B 78 -8.17 -5.15 17.74
CA LYS B 78 -7.78 -4.40 18.92
C LYS B 78 -6.26 -4.48 19.14
N ALA B 79 -5.66 -5.66 18.93
CA ALA B 79 -4.22 -5.77 19.08
C ALA B 79 -3.47 -4.93 18.04
N ALA B 80 -3.97 -4.90 16.82
CA ALA B 80 -3.33 -4.08 15.78
C ALA B 80 -3.26 -2.56 16.12
N CSD B 81 -4.25 -1.69 16.03
CA CSD B 81 -4.73 -0.71 16.99
CB CSD B 81 -6.04 -1.00 17.72
SG CSD B 81 -7.45 -0.71 16.61
C CSD B 81 -3.64 -0.49 18.03
O CSD B 81 -3.04 0.60 17.96
OD1 CSD B 81 -7.40 0.29 15.53
OD2 CSD B 81 -8.86 -1.51 16.96
H CSD B 81 -4.10 -1.15 15.38
HA CSD B 81 -4.94 0.07 16.45
HB2 CSD B 81 -6.11 -0.42 18.49
HB3 CSD B 81 -6.04 -1.93 18.01
HD2 CSD B 81 -8.80 -1.87 17.73
N GLU B 82 -3.56 -1.30 19.09
CA GLU B 82 -2.58 -1.04 20.16
C GLU B 82 -1.13 -1.07 19.69
N TRP B 83 -0.80 -2.07 18.87
CA TRP B 83 0.57 -2.15 18.36
C TRP B 83 0.97 -0.91 17.59
N ALA B 84 0.06 -0.36 16.80
CA ALA B 84 0.39 0.70 15.85
C ALA B 84 -0.02 2.08 16.32
N GLY B 85 -0.76 2.18 17.41
CA GLY B 85 -1.16 3.48 17.91
C GLY B 85 -2.32 4.08 17.15
N ILE B 86 -3.32 3.27 16.83
CA ILE B 86 -4.48 3.71 16.08
C ILE B 86 -5.68 3.73 17.01
N LYS B 87 -6.31 4.89 17.11
CA LYS B 87 -7.58 5.01 17.82
C LYS B 87 -8.71 4.49 16.95
N GLN B 88 -9.39 3.44 17.41
CA GLN B 88 -10.72 3.12 16.89
C GLN B 88 -11.75 4.15 17.34
N GLU B 89 -12.56 4.65 16.42
CA GLU B 89 -13.62 5.57 16.83
C GLU B 89 -14.86 5.26 16.03
N PHE B 90 -15.99 5.26 16.71
CA PHE B 90 -17.25 4.99 16.06
C PHE B 90 -17.80 6.28 15.46
N GLY B 91 -18.49 6.13 14.34
CA GLY B 91 -19.19 7.25 13.76
C GLY B 91 -18.46 7.85 12.59
N ILE B 92 -19.23 8.33 11.63
CA ILE B 92 -18.70 8.88 10.38
C ILE B 92 -18.97 10.38 10.31
N SER B 104 -21.64 7.99 -2.54
CA SER B 104 -20.81 7.13 -1.71
C SER B 104 -19.50 6.85 -2.44
N MET B 105 -18.40 6.78 -1.68
CA MET B 105 -17.11 6.46 -2.27
C MET B 105 -17.07 5.03 -2.79
N ASN B 106 -17.73 4.10 -2.08
CA ASN B 106 -17.76 2.72 -2.53
C ASN B 106 -18.48 2.58 -3.87
N LYS B 107 -19.46 3.43 -4.16
CA LYS B 107 -20.19 3.36 -5.41
C LYS B 107 -19.47 4.08 -6.55
N GLU B 108 -18.67 5.07 -6.25
CA GLU B 108 -17.75 5.58 -7.26
C GLU B 108 -16.71 4.52 -7.58
N LEU B 109 -16.21 3.83 -6.55
CA LEU B 109 -15.23 2.76 -6.74
C LEU B 109 -15.80 1.63 -7.57
N LYS B 110 -17.00 1.17 -7.24
CA LYS B 110 -17.60 0.08 -8.01
C LYS B 110 -17.78 0.46 -9.46
N LYS B 111 -17.90 1.75 -9.76
CA LYS B 111 -18.35 2.08 -11.10
C LYS B 111 -17.12 2.00 -11.99
N ILE B 112 -15.97 2.44 -11.46
CA ILE B 112 -14.67 2.26 -12.13
C ILE B 112 -14.33 0.78 -12.26
N ILE B 113 -14.51 0.01 -11.19
CA ILE B 113 -14.25 -1.42 -11.28
C ILE B 113 -14.99 -2.00 -12.48
N GLY B 114 -16.20 -1.51 -12.74
CA GLY B 114 -16.95 -1.98 -13.88
C GLY B 114 -16.35 -1.51 -15.20
N GLN B 115 -15.84 -0.27 -15.24
CA GLN B 115 -15.17 0.17 -16.46
C GLN B 115 -14.02 -0.75 -16.85
N VAL B 116 -13.35 -1.37 -15.88
CA VAL B 116 -12.12 -2.12 -16.15
C VAL B 116 -12.27 -3.61 -15.98
N ARG B 117 -13.39 -4.09 -15.44
CA ARG B 117 -13.47 -5.47 -14.99
C ARG B 117 -12.96 -6.45 -16.03
N ASP B 118 -13.19 -6.15 -17.31
CA ASP B 118 -12.78 -7.07 -18.36
C ASP B 118 -11.29 -7.00 -18.70
N GLN B 119 -10.50 -6.18 -18.02
CA GLN B 119 -9.07 -6.10 -18.29
C GLN B 119 -8.22 -7.00 -17.39
N ALA B 120 -8.82 -7.70 -16.45
CA ALA B 120 -8.11 -8.61 -15.58
C ALA B 120 -8.96 -9.84 -15.40
N GLU B 121 -8.31 -10.99 -15.15
CA GLU B 121 -9.15 -12.11 -14.76
C GLU B 121 -9.64 -11.97 -13.32
N HIS B 122 -8.76 -11.59 -12.42
CA HIS B 122 -9.08 -11.63 -10.99
C HIS B 122 -9.74 -10.33 -10.57
N LEU B 123 -10.85 -10.45 -9.82
CA LEU B 123 -11.53 -9.26 -9.35
C LEU B 123 -10.58 -8.32 -8.64
N LYS B 124 -9.56 -8.87 -8.02
CA LYS B 124 -8.86 -8.13 -7.01
C LYS B 124 -7.87 -7.26 -7.73
N THR B 125 -7.42 -7.76 -8.89
CA THR B 125 -6.72 -6.96 -9.88
C THR B 125 -7.58 -5.80 -10.37
N ALA B 126 -8.83 -6.07 -10.75
CA ALA B 126 -9.73 -5.00 -11.17
C ALA B 126 -9.98 -3.98 -10.06
N VAL B 127 -10.08 -4.45 -8.81
CA VAL B 127 -10.18 -3.51 -7.69
C VAL B 127 -8.98 -2.59 -7.67
N GLN B 128 -7.78 -3.14 -7.86
CA GLN B 128 -6.57 -2.33 -7.70
C GLN B 128 -6.38 -1.37 -8.87
N MET B 129 -6.76 -1.75 -10.10
CA MET B 129 -6.86 -0.82 -11.20
C MET B 129 -7.80 0.32 -10.88
N ALA B 130 -8.93 0.01 -10.30
CA ALA B 130 -9.90 1.04 -9.92
C ALA B 130 -9.31 1.98 -8.85
N VAL B 131 -8.62 1.41 -7.87
CA VAL B 131 -7.96 2.23 -6.87
C VAL B 131 -6.96 3.18 -7.56
N PHE B 132 -6.11 2.62 -8.41
CA PHE B 132 -5.14 3.40 -9.19
C PHE B 132 -5.80 4.60 -9.86
N ILE B 133 -6.84 4.36 -10.66
CA ILE B 133 -7.50 5.44 -11.37
C ILE B 133 -8.07 6.45 -10.40
N HIS B 134 -8.71 5.98 -9.32
CA HIS B 134 -9.36 6.91 -8.44
C HIS B 134 -8.36 7.85 -7.80
N ASN B 135 -7.19 7.32 -7.43
CA ASN B 135 -6.18 8.10 -6.76
C ASN B 135 -5.36 8.99 -7.69
N LYS B 136 -5.28 8.65 -8.98
CA LYS B 136 -4.41 9.39 -9.90
C LYS B 136 -5.14 10.41 -10.77
N LYS B 137 -6.46 10.26 -10.96
CA LYS B 137 -7.29 11.17 -11.79
C LYS B 137 -7.47 12.53 -11.11
N ARG B 138 -7.67 13.59 -11.88
CA ARG B 138 -7.99 14.90 -11.27
C ARG B 138 -9.51 14.96 -11.11
N LYS B 139 -10.01 15.89 -10.31
CA LYS B 139 -11.48 16.07 -10.17
C LYS B 139 -11.99 16.74 -11.44
N GLY B 140 -12.94 16.12 -12.15
CA GLY B 140 -13.48 16.65 -13.41
C GLY B 140 -12.62 16.26 -14.60
N GLY B 141 -11.44 15.65 -14.38
CA GLY B 141 -10.54 15.18 -15.46
C GLY B 141 -9.55 16.23 -15.90
N ILE B 142 -9.49 17.39 -15.20
CA ILE B 142 -8.59 18.51 -15.59
C ILE B 142 -8.34 19.43 -14.39
N GLY B 143 -7.10 19.86 -14.18
CA GLY B 143 -6.76 20.86 -13.14
C GLY B 143 -6.73 20.34 -11.71
N GLY B 144 -5.95 20.98 -10.82
CA GLY B 144 -5.92 20.65 -9.42
C GLY B 144 -5.11 19.40 -9.15
N TYR B 145 -5.15 18.95 -7.89
CA TYR B 145 -4.36 17.78 -7.43
C TYR B 145 -5.26 16.55 -7.40
N SER B 146 -4.71 15.38 -7.67
CA SER B 146 -5.44 14.10 -7.56
C SER B 146 -5.46 13.75 -6.07
N ALA B 147 -6.27 12.80 -5.65
CA ALA B 147 -6.29 12.36 -4.26
C ALA B 147 -4.91 11.91 -3.81
N GLY B 148 -4.15 11.29 -4.72
CA GLY B 148 -2.80 10.86 -4.37
C GLY B 148 -1.88 12.03 -4.07
N GLU B 149 -1.97 13.09 -4.86
CA GLU B 149 -1.16 14.27 -4.58
C GLU B 149 -1.62 14.95 -3.30
N ARG B 150 -2.95 15.03 -3.14
CA ARG B 150 -3.58 15.74 -1.99
C ARG B 150 -3.24 15.08 -0.66
N ILE B 151 -3.09 13.75 -0.55
CA ILE B 151 -2.71 13.14 0.71
C ILE B 151 -1.24 13.45 1.00
N VAL B 152 -0.40 13.43 -0.03
CA VAL B 152 1.01 13.76 0.16
C VAL B 152 1.16 15.24 0.49
N ASP B 153 0.41 16.10 -0.19
CA ASP B 153 0.45 17.51 0.16
C ASP B 153 0.07 17.70 1.62
N ILE B 154 -1.08 17.13 2.03
CA ILE B 154 -1.55 17.26 3.40
C ILE B 154 -0.49 16.82 4.41
N ILE B 155 0.20 15.72 4.11
CA ILE B 155 1.19 15.21 5.07
C ILE B 155 2.45 16.05 5.06
N ALA B 156 2.84 16.55 3.88
CA ALA B 156 4.09 17.30 3.78
C ALA B 156 3.97 18.66 4.46
N THR B 157 2.77 19.23 4.43
CA THR B 157 2.48 20.44 5.18
C THR B 157 2.52 20.21 6.68
N ASP B 158 2.15 19.02 7.14
CA ASP B 158 1.98 18.84 8.58
C ASP B 158 3.33 18.63 9.27
N ILE B 159 4.25 17.92 8.62
CA ILE B 159 5.64 17.81 9.08
C ILE B 159 6.41 19.09 8.75
C10 R2A C . -2.73 -9.92 -10.99
C13 R2A C . -4.49 -11.10 -13.88
C17 R2A C . -2.51 -8.50 -14.39
C20 R2A C . -1.69 -6.32 -13.64
C21 R2A C . -1.72 -6.75 -12.35
C22 R2A C . -2.14 -7.99 -12.08
C24 R2A C . -2.73 -12.51 -6.24
C26 R2A C . -2.16 -11.07 -2.97
C02 R2A C . -2.42 -13.52 -3.90
C03 R2A C . -3.18 -13.29 -5.23
C04 R2A C . -4.48 -14.08 -5.41
C05 R2A C . -5.17 -13.98 -6.52
C06 R2A C . -4.66 -13.07 -7.64
C07 R2A C . -3.54 -12.41 -7.52
C08 R2A C . -3.21 -11.54 -8.77
C09 R2A C . -2.99 -10.85 -9.76
C11 R2A C . -2.88 -9.98 -12.26
C12 R2A C . -3.38 -11.28 -12.87
C16 R2A C . -2.57 -8.94 -13.03
C18 R2A C . -2.06 -7.17 -14.67
C19 R2A C . -1.99 -6.65 -16.12
C27 R2A C . -2.52 -10.52 -1.53
C29 R2A C . -3.58 -11.16 0.48
C30 R2A C . -2.76 -10.63 1.69
C32 R2A C . -3.66 -11.44 4.01
C33 R2A C . -3.68 -12.45 5.23
C34 R2A C . -3.48 -11.98 6.45
C35 R2A C . -3.48 -12.86 7.71
C36 R2A C . -3.21 -12.07 9.02
C37 R2A C . -2.98 -11.42 10.02
C38 R2A C . -2.64 -10.54 11.26
C39 R2A C . -2.45 -10.78 12.57
C40 R2A C . -2.60 -12.17 13.20
C41 R2A C . -1.33 -12.53 13.92
C44 R2A C . -2.13 -9.64 13.30
C45 R2A C . -1.85 -9.25 14.63
C46 R2A C . -1.55 -7.89 14.93
C47 R2A C . -1.24 -7.44 16.37
C48 R2A C . -1.53 -6.93 13.91
C49 R2A C . -1.81 -7.27 12.60
C50 R2A C . -2.10 -8.61 12.34
C52 R2A C . -3.67 -14.15 7.60
C53 R2A C . -3.91 -14.75 6.19
C54 R2A C . -3.91 -13.96 5.10
C56 R2A C . -2.15 -12.63 -0.50
C57 R2A C . -1.21 -12.89 -1.70
N25 R2A C . -1.93 -12.50 -2.89
N28 R2A C . -2.88 -11.48 -0.59
N31 R2A C . -2.80 -11.59 2.83
O01 R2A C . -2.17 -14.65 -3.70
O14 R2A C . -4.43 -11.69 -14.99
O15 R2A C . -5.49 -10.37 -13.65
O23 R2A C . -2.28 -8.62 -10.74
O42 R2A C . -1.34 -12.77 15.14
O43 R2A C . -0.26 -12.57 13.28
O51 R2A C . -2.40 -9.18 11.06
O55 R2A C . -4.35 -10.49 4.07
H171 R2A C . -2.77 -9.06 -15.07
H201 R2A C . -1.38 -5.46 -13.83
H211 R2A C . -1.47 -6.18 -11.66
H241 R2A C . -1.92 -12.03 -6.14
H261 R2A C . -2.88 -10.89 -3.58
H262 R2A C . -1.36 -10.64 -3.28
H041 R2A C . -4.79 -14.63 -4.73
H051 R2A C . -5.97 -14.44 -6.62
H061 R2A C . -5.15 -12.98 -8.41
H121 R2A C . -3.71 -11.88 -12.19
H122 R2A C . -2.64 -11.73 -13.31
H193 R2A C . -2.02 -7.39 -16.74
H192 R2A C . -2.73 -6.04 -16.28
H191 R2A C . -1.16 -6.17 -16.24
H271 R2A C . -1.76 -10.03 -1.18
H272 R2A C . -3.24 -9.89 -1.66
H291 R2A C . -4.24 -10.48 0.25
H292 R2A C . -4.08 -11.94 0.78
H302 R2A C . -3.10 -9.77 1.95
H301 R2A C . -1.82 -10.50 1.45
H341 R2A C . -3.33 -11.09 6.55
H402 R2A C . -2.78 -12.84 12.51
H401 R2A C . -3.33 -12.17 13.83
H451 R2A C . -1.86 -9.88 15.30
H473 R2A C . -1.55 -8.11 16.99
H471 R2A C . -1.69 -6.61 16.55
H472 R2A C . -0.28 -7.32 16.46
H481 R2A C . -1.35 -6.04 14.11
H491 R2A C . -1.81 -6.65 11.92
H521 R2A C . -3.66 -14.70 8.35
H531 R2A C . -4.06 -15.65 6.10
H541 R2A C . -4.06 -14.33 4.26
H562 R2A C . -2.75 -13.38 -0.45
H561 R2A C . -1.59 -12.63 0.29
H571 R2A C . -0.95 -13.82 -1.69
H572 R2A C . -0.40 -12.36 -1.61
H311 R2A C . -2.30 -12.28 2.80
I IOD D . 2.60 -16.21 6.36
I IOD E . 14.26 -19.82 3.37
I IOD F . 9.43 -4.78 -12.76
S SO4 G . 17.95 -14.29 0.31
O1 SO4 G . 18.27 -12.87 0.18
O2 SO4 G . 17.10 -14.50 1.46
O3 SO4 G . 17.25 -14.76 -0.88
O4 SO4 G . 19.20 -15.03 0.48
S SO4 H . 3.38 -15.20 -16.23
O1 SO4 H . 4.18 -15.35 -15.01
O2 SO4 H . 2.25 -16.13 -16.16
O3 SO4 H . 2.88 -13.84 -16.32
O4 SO4 H . 4.17 -15.48 -17.43
S SO4 I . 18.99 2.47 -9.06
O1 SO4 I . 20.02 2.83 -8.08
O2 SO4 I . 17.80 2.00 -8.39
O3 SO4 I . 18.66 3.62 -9.88
O4 SO4 I . 19.45 1.38 -9.90
I IOD J . -10.14 -12.28 -6.49
I IOD K . -10.58 0.04 13.45
I IOD L . -22.05 -9.62 -3.55
S SO4 M . -22.48 -2.71 -0.36
O1 SO4 M . -21.80 -1.47 0.06
O2 SO4 M . -23.86 -2.67 0.15
O3 SO4 M . -22.49 -2.79 -1.82
O4 SO4 M . -21.81 -3.89 0.17
S SO4 N . -18.22 -5.00 -11.99
O1 SO4 N . -17.95 -6.13 -11.11
O2 SO4 N . -18.35 -3.75 -11.24
O3 SO4 N . -19.47 -5.25 -12.73
O4 SO4 N . -17.15 -4.87 -12.96
S SO4 O . -10.63 -12.23 16.01
O1 SO4 O . -9.55 -11.26 15.92
O2 SO4 O . -11.16 -12.22 17.38
O3 SO4 O . -11.68 -11.88 15.05
O4 SO4 O . -10.11 -13.55 15.68
S SO4 P . -15.02 12.32 10.29
O1 SO4 P . -14.20 12.90 11.36
O2 SO4 P . -16.24 11.77 10.88
O3 SO4 P . -15.34 13.33 9.31
O4 SO4 P . -14.24 11.27 9.63
#